data_2Z0O
#
_entry.id   2Z0O
#
_cell.length_a   103.449
_cell.length_b   111.003
_cell.length_c   36.853
_cell.angle_alpha   90.00
_cell.angle_beta   90.00
_cell.angle_gamma   90.00
#
_symmetry.space_group_name_H-M   'P 21 21 2'
#
loop_
_entity.id
_entity.type
_entity.pdbx_description
1 polymer 'DCC-interacting protein 13-alpha'
2 water water
#
_entity_poly.entity_id   1
_entity_poly.type   'polypeptide(L)'
_entity_poly.pdbx_seq_one_letter_code
;GS(MSE)PGIDKLPIEETLEDSPQTRSLLGVFEEDATAISNY(MSE)NQLYQA(MSE)HRIYDAQNELSAATHLTSKLLK
EYEKQRFPLGGDDEV(MSE)SSTLQQFSKVIDELSSCHAVLSTQLADA(MSE)(MSE)FPITQFKERDLKEILTLKEVFQ
IASNDHDAAINRYSRLSKKRENDKVKYEVTEDVYTSRKKQHQT(MSE)(MSE)HYFCALNTLQYKKKIALLEPLLGY
(MSE)QAQISFFK(MSE)GSENLNEQLEEFLANIGTSVQNVRRE(MSE)DSDIET(MSE)QQTIEDLEVASDPLYVPDPD
PTKFPVNRNLTRKAGYLNARNKTGLVSSTWDRQFYFTQGGNL(MSE)SQARGDVAGGLA(MSE)DIDNCSV(MSE)AVDC
EDRRYCFQITSFDGKKSSILQAESKKDHEEWICTINNISKQIYLSENPEE
;
_entity_poly.pdbx_strand_id   A
#
# COMPACT_ATOMS: atom_id res chain seq x y z
N PRO A 4 -21.18 33.68 34.99
CA PRO A 4 -21.85 33.53 36.29
C PRO A 4 -21.45 32.38 37.22
N GLY A 5 -21.26 31.18 36.69
CA GLY A 5 -20.89 30.07 37.55
C GLY A 5 -19.56 29.43 37.23
N ILE A 6 -18.85 29.98 36.24
CA ILE A 6 -17.55 29.45 35.83
C ILE A 6 -16.50 29.50 36.94
N ASP A 7 -15.58 28.54 36.91
CA ASP A 7 -14.51 28.47 37.90
C ASP A 7 -13.50 29.57 37.59
N LYS A 8 -12.99 30.19 38.65
CA LYS A 8 -12.06 31.31 38.52
C LYS A 8 -11.02 31.36 39.61
N LEU A 9 -9.78 31.65 39.23
CA LEU A 9 -8.72 31.82 40.22
C LEU A 9 -8.79 33.30 40.57
N PRO A 10 -8.71 33.64 41.88
CA PRO A 10 -8.78 35.03 42.37
C PRO A 10 -7.52 35.85 42.09
N ILE A 11 -7.53 36.57 40.98
CA ILE A 11 -6.39 37.39 40.61
C ILE A 11 -6.12 38.50 41.62
N GLU A 12 -7.15 38.93 42.35
CA GLU A 12 -7.00 40.00 43.33
C GLU A 12 -6.34 39.53 44.64
N GLU A 13 -6.09 38.23 44.76
CA GLU A 13 -5.44 37.71 45.97
C GLU A 13 -4.01 37.30 45.66
N THR A 14 -3.55 37.71 44.48
CA THR A 14 -2.22 37.41 44.02
C THR A 14 -1.15 38.00 44.93
N LEU A 15 -1.27 39.30 45.22
CA LEU A 15 -0.27 39.96 46.05
C LEU A 15 -0.09 39.31 47.42
N GLU A 16 -1.21 38.92 48.03
CA GLU A 16 -1.21 38.28 49.34
C GLU A 16 -0.44 36.94 49.30
N ASP A 17 -0.68 36.17 48.25
CA ASP A 17 -0.04 34.87 48.05
C ASP A 17 -0.18 33.94 49.24
N SER A 18 -1.40 33.90 49.79
CA SER A 18 -1.70 33.06 50.96
C SER A 18 -1.80 31.58 50.60
N PRO A 19 -1.41 30.69 51.53
CA PRO A 19 -1.46 29.24 51.33
C PRO A 19 -2.77 28.77 50.72
N GLN A 20 -3.88 29.34 51.19
CA GLN A 20 -5.21 29.02 50.68
C GLN A 20 -5.17 29.27 49.18
N THR A 21 -4.86 30.51 48.83
CA THR A 21 -4.76 30.90 47.44
C THR A 21 -3.84 29.93 46.69
N ARG A 22 -2.75 29.53 47.32
CA ARG A 22 -1.87 28.59 46.66
C ARG A 22 -2.60 27.25 46.51
N SER A 23 -3.44 26.91 47.49
CA SER A 23 -4.19 25.65 47.41
C SER A 23 -5.06 25.70 46.17
N LEU A 24 -5.99 26.65 46.15
CA LEU A 24 -6.90 26.84 45.04
C LEU A 24 -6.12 26.70 43.73
N LEU A 25 -4.97 27.36 43.63
CA LEU A 25 -4.18 27.27 42.41
C LEU A 25 -3.89 25.80 42.11
N GLY A 26 -3.58 25.05 43.16
CA GLY A 26 -3.27 23.63 43.03
C GLY A 26 -4.41 22.82 42.42
N VAL A 27 -5.63 23.12 42.82
CA VAL A 27 -6.78 22.41 42.31
C VAL A 27 -6.94 22.65 40.81
N PHE A 28 -6.56 23.84 40.35
CA PHE A 28 -6.67 24.12 38.92
C PHE A 28 -5.58 23.40 38.14
N GLU A 29 -4.41 23.22 38.75
CA GLU A 29 -3.36 22.55 38.03
C GLU A 29 -3.69 21.06 37.92
N GLU A 30 -4.16 20.48 39.03
CA GLU A 30 -4.53 19.08 39.04
C GLU A 30 -5.51 18.89 37.89
N ASP A 31 -6.49 19.79 37.83
CA ASP A 31 -7.50 19.78 36.79
C ASP A 31 -6.91 19.97 35.38
N ALA A 32 -6.01 20.94 35.25
CA ALA A 32 -5.39 21.23 33.97
C ALA A 32 -4.53 20.07 33.49
N THR A 33 -4.15 19.18 34.40
CA THR A 33 -3.32 18.03 34.04
C THR A 33 -4.25 16.93 33.53
N ALA A 34 -5.40 16.80 34.19
CA ALA A 34 -6.40 15.81 33.82
C ALA A 34 -6.87 16.14 32.41
N ILE A 35 -7.35 17.36 32.22
CA ILE A 35 -7.80 17.82 30.92
C ILE A 35 -6.75 17.51 29.86
N SER A 36 -5.50 17.77 30.20
CA SER A 36 -4.40 17.53 29.28
C SER A 36 -4.28 16.05 28.95
N ASN A 37 -4.49 15.19 29.94
CA ASN A 37 -4.42 13.74 29.75
C ASN A 37 -5.47 13.31 28.74
N TYR A 38 -6.71 13.65 29.08
CA TYR A 38 -7.87 13.34 28.26
C TYR A 38 -7.80 13.93 26.86
N ASN A 40 -5.35 14.86 25.13
CA ASN A 40 -4.31 14.24 24.33
C ASN A 40 -4.78 12.89 23.81
N GLN A 41 -5.58 12.16 24.58
CA GLN A 41 -6.10 10.88 24.11
C GLN A 41 -7.10 11.09 22.95
N LEU A 42 -7.88 12.16 23.04
CA LEU A 42 -8.84 12.48 22.00
C LEU A 42 -8.09 12.97 20.75
N TYR A 43 -7.01 13.72 20.95
CA TYR A 43 -6.21 14.22 19.83
C TYR A 43 -5.56 13.05 19.07
N GLN A 44 -5.13 12.02 19.80
CA GLN A 44 -4.52 10.86 19.18
C GLN A 44 -5.53 10.10 18.33
N ALA A 45 -6.73 9.93 18.88
CA ALA A 45 -7.81 9.23 18.17
C ALA A 45 -8.20 9.99 16.91
N HIS A 47 -6.35 12.10 15.24
CA HIS A 47 -5.21 12.07 14.33
C HIS A 47 -5.22 10.73 13.57
N ARG A 48 -5.56 9.64 14.24
CA ARG A 48 -5.61 8.37 13.53
C ARG A 48 -6.70 8.46 12.46
N ILE A 49 -7.85 9.01 12.81
CA ILE A 49 -8.93 9.13 11.85
C ILE A 49 -8.47 9.97 10.66
N TYR A 50 -7.64 10.97 10.90
CA TYR A 50 -7.17 11.82 9.81
C TYR A 50 -6.14 11.10 8.96
N ASP A 51 -5.38 10.21 9.59
CA ASP A 51 -4.36 9.44 8.88
C ASP A 51 -4.99 8.32 8.04
N ALA A 52 -5.99 7.66 8.62
CA ALA A 52 -6.70 6.57 7.93
C ALA A 52 -7.44 7.11 6.70
N GLN A 53 -8.00 8.30 6.84
CA GLN A 53 -8.75 8.92 5.76
C GLN A 53 -7.83 9.38 4.64
N ASN A 54 -6.63 9.79 5.01
CA ASN A 54 -5.66 10.26 4.02
C ASN A 54 -5.12 9.06 3.23
N GLU A 55 -4.87 7.96 3.93
CA GLU A 55 -4.38 6.74 3.29
C GLU A 55 -5.48 6.17 2.41
N LEU A 56 -6.70 6.15 2.94
CA LEU A 56 -7.84 5.64 2.21
C LEU A 56 -7.98 6.39 0.90
N SER A 57 -7.78 7.70 0.94
CA SER A 57 -7.92 8.48 -0.27
C SER A 57 -6.84 8.08 -1.26
N ALA A 58 -5.60 8.06 -0.80
CA ALA A 58 -4.47 7.72 -1.65
C ALA A 58 -4.63 6.34 -2.28
N ALA A 59 -4.96 5.35 -1.46
CA ALA A 59 -5.12 3.98 -1.94
C ALA A 59 -6.22 3.87 -2.97
N THR A 60 -7.34 4.55 -2.72
CA THR A 60 -8.46 4.51 -3.63
C THR A 60 -8.10 5.21 -4.92
N HIS A 61 -7.20 6.17 -4.87
CA HIS A 61 -6.79 6.86 -6.08
C HIS A 61 -5.87 5.95 -6.91
N LEU A 62 -4.98 5.25 -6.21
CA LEU A 62 -4.02 4.35 -6.87
C LEU A 62 -4.77 3.21 -7.56
N THR A 63 -5.72 2.61 -6.84
CA THR A 63 -6.53 1.54 -7.40
C THR A 63 -7.11 2.00 -8.75
N SER A 64 -7.59 3.24 -8.79
CA SER A 64 -8.16 3.81 -10.01
C SER A 64 -7.14 4.04 -11.11
N LYS A 65 -5.95 4.52 -10.73
CA LYS A 65 -4.90 4.77 -11.71
C LYS A 65 -4.45 3.44 -12.31
N LEU A 66 -4.48 2.39 -11.49
CA LEU A 66 -4.07 1.07 -11.95
C LEU A 66 -5.02 0.53 -13.01
N LEU A 67 -6.31 0.83 -12.88
CA LEU A 67 -7.30 0.37 -13.84
C LEU A 67 -7.17 1.08 -15.18
N LYS A 68 -6.65 2.30 -15.19
CA LYS A 68 -6.47 3.07 -16.44
C LYS A 68 -5.21 2.59 -17.18
N GLU A 69 -4.28 1.98 -16.44
CA GLU A 69 -3.05 1.50 -17.03
C GLU A 69 -3.20 0.10 -17.60
N TYR A 70 -4.27 -0.59 -17.21
CA TYR A 70 -4.52 -1.94 -17.70
C TYR A 70 -4.37 -1.99 -19.21
N GLU A 71 -5.09 -1.11 -19.89
CA GLU A 71 -5.07 -1.02 -21.34
C GLU A 71 -3.67 -0.84 -21.92
N LYS A 72 -2.87 -0.01 -21.27
CA LYS A 72 -1.52 0.27 -21.74
C LYS A 72 -0.50 -0.77 -21.28
N GLN A 73 -0.84 -2.05 -21.44
CA GLN A 73 0.06 -3.13 -21.06
C GLN A 73 0.59 -3.84 -22.29
N ARG A 74 1.71 -4.54 -22.11
CA ARG A 74 2.35 -5.28 -23.20
C ARG A 74 1.88 -6.72 -23.16
N PHE A 75 0.73 -6.96 -22.54
CA PHE A 75 0.21 -8.32 -22.42
C PHE A 75 0.30 -9.06 -23.74
N PRO A 76 1.15 -10.11 -23.80
CA PRO A 76 1.37 -10.95 -24.97
C PRO A 76 0.06 -11.47 -25.57
N LEU A 77 -0.87 -11.84 -24.70
CA LEU A 77 -2.16 -12.35 -25.15
C LEU A 77 -3.21 -11.23 -25.13
N ASP A 81 -9.26 -6.73 -27.07
CA ASP A 81 -10.60 -6.83 -26.48
C ASP A 81 -11.07 -5.48 -25.94
N GLU A 82 -12.10 -4.95 -26.59
CA GLU A 82 -12.66 -3.66 -26.23
C GLU A 82 -13.63 -3.69 -25.03
N VAL A 83 -14.60 -4.59 -25.02
CA VAL A 83 -15.54 -4.63 -23.90
C VAL A 83 -14.86 -4.58 -22.53
N SER A 85 -11.89 -3.38 -21.86
CA SER A 85 -11.31 -2.05 -21.82
C SER A 85 -12.35 -1.03 -21.33
N SER A 86 -13.52 -1.05 -21.96
CA SER A 86 -14.61 -0.13 -21.60
C SER A 86 -15.00 -0.29 -20.14
N THR A 87 -15.33 -1.52 -19.76
CA THR A 87 -15.72 -1.82 -18.39
C THR A 87 -14.73 -1.26 -17.37
N LEU A 88 -13.44 -1.42 -17.63
CA LEU A 88 -12.44 -0.91 -16.70
C LEU A 88 -12.42 0.60 -16.70
N GLN A 89 -12.87 1.21 -17.80
CA GLN A 89 -12.90 2.66 -17.90
C GLN A 89 -14.02 3.19 -17.01
N GLN A 90 -15.13 2.47 -16.96
CA GLN A 90 -16.27 2.84 -16.13
C GLN A 90 -15.89 2.70 -14.65
N PHE A 91 -15.28 1.57 -14.29
CA PHE A 91 -14.88 1.35 -12.91
C PHE A 91 -13.88 2.42 -12.52
N SER A 92 -12.93 2.68 -13.41
CA SER A 92 -11.92 3.67 -13.17
C SER A 92 -12.60 4.98 -12.87
N LYS A 93 -13.42 5.45 -13.80
CA LYS A 93 -14.11 6.71 -13.62
C LYS A 93 -14.77 6.78 -12.24
N VAL A 94 -15.74 5.90 -12.02
CA VAL A 94 -16.47 5.85 -10.76
C VAL A 94 -15.61 5.74 -9.51
N ILE A 95 -14.45 5.09 -9.61
CA ILE A 95 -13.60 4.95 -8.45
C ILE A 95 -12.87 6.26 -8.19
N ASP A 96 -12.69 7.03 -9.25
CA ASP A 96 -12.05 8.34 -9.15
C ASP A 96 -12.97 9.25 -8.33
N GLU A 97 -14.21 9.39 -8.78
CA GLU A 97 -15.19 10.22 -8.11
C GLU A 97 -15.18 9.91 -6.61
N LEU A 98 -14.93 8.65 -6.28
CA LEU A 98 -14.90 8.28 -4.88
C LEU A 98 -13.63 8.78 -4.19
N SER A 99 -12.47 8.56 -4.81
CA SER A 99 -11.26 9.03 -4.16
C SER A 99 -11.38 10.54 -3.91
N SER A 100 -11.93 11.28 -4.87
CA SER A 100 -12.13 12.72 -4.68
C SER A 100 -12.96 12.96 -3.42
N CYS A 101 -14.09 12.28 -3.29
CA CYS A 101 -14.90 12.44 -2.09
C CYS A 101 -13.99 12.25 -0.89
N HIS A 102 -13.18 11.19 -0.92
CA HIS A 102 -12.26 10.94 0.17
C HIS A 102 -11.21 12.08 0.30
N ALA A 103 -10.71 12.61 -0.81
CA ALA A 103 -9.72 13.68 -0.76
C ALA A 103 -10.33 14.90 -0.06
N VAL A 104 -11.44 15.40 -0.61
CA VAL A 104 -12.19 16.51 -0.06
C VAL A 104 -12.37 16.35 1.45
N LEU A 105 -12.97 15.23 1.86
CA LEU A 105 -13.18 14.98 3.29
C LEU A 105 -11.85 15.03 4.02
N SER A 106 -10.81 14.56 3.35
CA SER A 106 -9.48 14.54 3.94
C SER A 106 -9.01 15.96 4.18
N THR A 107 -9.16 16.82 3.18
CA THR A 107 -8.75 18.21 3.36
C THR A 107 -9.54 18.90 4.47
N GLN A 108 -10.87 18.84 4.39
CA GLN A 108 -11.73 19.45 5.39
C GLN A 108 -11.41 18.96 6.78
N LEU A 109 -11.20 17.67 6.94
CA LEU A 109 -10.91 17.16 8.28
C LEU A 109 -9.68 17.83 8.85
N ALA A 110 -8.67 18.03 8.03
CA ALA A 110 -7.44 18.65 8.50
C ALA A 110 -7.65 20.09 8.95
N ASP A 111 -8.50 20.81 8.23
CA ASP A 111 -8.75 22.20 8.53
C ASP A 111 -9.84 22.50 9.58
N ALA A 112 -10.83 21.62 9.73
CA ALA A 112 -11.92 21.85 10.69
C ALA A 112 -11.80 21.04 11.96
N PHE A 115 -6.61 20.95 12.83
CA PHE A 115 -6.03 22.24 13.15
C PHE A 115 -6.43 22.79 14.52
N PRO A 116 -7.74 22.78 14.82
CA PRO A 116 -8.12 23.30 16.13
C PRO A 116 -7.58 22.45 17.29
N ILE A 117 -7.83 21.14 17.25
CA ILE A 117 -7.40 20.24 18.32
C ILE A 117 -5.88 20.29 18.52
N THR A 118 -5.15 20.52 17.42
CA THR A 118 -3.70 20.61 17.49
C THR A 118 -3.34 21.93 18.18
N GLN A 119 -3.91 23.03 17.70
CA GLN A 119 -3.62 24.33 18.29
C GLN A 119 -3.85 24.30 19.78
N PHE A 120 -4.89 23.62 20.22
CA PHE A 120 -5.18 23.54 21.64
C PHE A 120 -3.98 22.94 22.38
N LYS A 121 -3.48 21.84 21.82
CA LYS A 121 -2.36 21.09 22.36
C LYS A 121 -1.00 21.78 22.24
N GLU A 122 -0.67 22.25 21.04
CA GLU A 122 0.62 22.90 20.79
C GLU A 122 0.75 24.28 21.41
N ARG A 123 -0.31 25.10 21.32
CA ARG A 123 -0.27 26.47 21.86
C ARG A 123 -0.80 26.62 23.29
N ASP A 124 -2.11 26.48 23.47
CA ASP A 124 -2.76 26.64 24.77
C ASP A 124 -2.26 25.78 25.93
N LEU A 125 -2.02 24.49 25.71
CA LEU A 125 -1.53 23.66 26.80
C LEU A 125 -0.05 23.93 27.04
N LYS A 126 0.65 24.36 25.99
CA LYS A 126 2.06 24.69 26.09
C LYS A 126 2.14 25.96 26.94
N GLU A 127 1.28 26.91 26.64
CA GLU A 127 1.25 28.15 27.38
C GLU A 127 1.08 27.88 28.89
N ILE A 128 0.19 26.96 29.28
CA ILE A 128 0.02 26.69 30.70
C ILE A 128 1.32 26.26 31.35
N LEU A 129 1.98 25.25 30.78
CA LEU A 129 3.24 24.77 31.33
C LEU A 129 4.29 25.87 31.42
N THR A 130 4.47 26.61 30.34
CA THR A 130 5.44 27.70 30.34
C THR A 130 5.22 28.72 31.45
N LEU A 131 4.02 29.29 31.51
CA LEU A 131 3.70 30.28 32.53
C LEU A 131 3.79 29.72 33.94
N LYS A 132 3.69 28.40 34.08
CA LYS A 132 3.76 27.80 35.41
C LYS A 132 5.21 27.76 35.91
N GLU A 133 6.15 27.59 34.97
CA GLU A 133 7.57 27.51 35.31
C GLU A 133 8.12 28.92 35.57
N VAL A 134 7.77 29.87 34.71
CA VAL A 134 8.18 31.26 34.87
C VAL A 134 7.77 31.72 36.25
N PHE A 135 6.53 31.41 36.62
CA PHE A 135 6.02 31.82 37.91
C PHE A 135 6.74 31.09 39.03
N GLN A 136 7.06 29.83 38.78
CA GLN A 136 7.75 29.00 39.78
C GLN A 136 9.15 29.53 40.04
N ILE A 137 9.82 29.99 38.98
CA ILE A 137 11.16 30.53 39.13
C ILE A 137 11.09 31.86 39.89
N ALA A 138 10.09 32.67 39.52
CA ALA A 138 9.87 33.96 40.15
C ALA A 138 9.61 33.76 41.64
N SER A 139 8.77 32.77 41.95
CA SER A 139 8.45 32.48 43.34
C SER A 139 9.71 32.10 44.09
N ASN A 140 10.54 31.27 43.46
CA ASN A 140 11.78 30.82 44.08
C ASN A 140 12.73 31.99 44.33
N ASP A 141 12.97 32.83 43.31
CA ASP A 141 13.85 33.97 43.46
C ASP A 141 13.42 34.87 44.61
N HIS A 142 12.11 35.00 44.81
CA HIS A 142 11.56 35.83 45.88
C HIS A 142 11.71 35.19 47.24
N ASP A 143 11.97 33.89 47.27
CA ASP A 143 12.16 33.18 48.53
C ASP A 143 13.57 33.50 49.01
N ALA A 144 14.53 33.45 48.09
CA ALA A 144 15.92 33.72 48.38
C ALA A 144 16.07 35.16 48.88
N ALA A 145 15.52 36.09 48.10
CA ALA A 145 15.57 37.51 48.41
C ALA A 145 14.99 37.76 49.78
N ILE A 146 13.90 37.07 50.10
CA ILE A 146 13.25 37.25 51.38
C ILE A 146 14.02 36.63 52.53
N ASN A 147 14.73 35.53 52.28
CA ASN A 147 15.48 34.94 53.38
C ASN A 147 16.75 35.76 53.63
N ARG A 148 17.25 36.42 52.60
CA ARG A 148 18.46 37.24 52.73
C ARG A 148 18.11 38.55 53.42
N TYR A 149 16.92 39.06 53.18
CA TYR A 149 16.48 40.31 53.81
C TYR A 149 16.13 40.03 55.26
N SER A 150 15.50 38.88 55.45
CA SER A 150 15.07 38.43 56.76
C SER A 150 16.27 38.10 57.65
N ARG A 151 17.46 38.08 57.06
CA ARG A 151 18.69 37.79 57.81
C ARG A 151 19.58 38.99 58.01
N LEU A 152 19.11 40.17 57.64
CA LEU A 152 19.92 41.37 57.82
C LEU A 152 20.19 41.66 59.29
N SER A 153 21.44 41.95 59.61
CA SER A 153 21.86 42.24 60.98
C SER A 153 21.17 43.49 61.54
N LYS A 154 20.78 43.41 62.81
CA LYS A 154 20.13 44.52 63.49
C LYS A 154 21.15 45.42 64.16
N LYS A 155 22.32 44.87 64.46
CA LYS A 155 23.38 45.62 65.11
C LYS A 155 24.24 46.41 64.15
N ARG A 156 24.94 45.72 63.25
CA ARG A 156 25.81 46.42 62.31
C ARG A 156 25.16 46.73 60.98
N GLU A 157 25.43 45.88 59.99
CA GLU A 157 24.90 46.01 58.64
C GLU A 157 25.15 47.36 57.94
N ASN A 158 25.99 47.31 56.91
CA ASN A 158 26.31 48.50 56.12
C ASN A 158 25.08 48.94 55.33
N ASP A 159 24.92 50.24 55.14
CA ASP A 159 23.77 50.75 54.42
C ASP A 159 23.69 50.33 52.95
N LYS A 160 24.82 50.31 52.24
CA LYS A 160 24.75 49.92 50.83
C LYS A 160 24.20 48.50 50.73
N VAL A 161 24.43 47.70 51.76
CA VAL A 161 23.95 46.33 51.76
C VAL A 161 22.46 46.26 52.04
N LYS A 162 22.04 46.79 53.18
CA LYS A 162 20.62 46.77 53.54
C LYS A 162 19.78 47.28 52.37
N TYR A 163 20.32 48.29 51.70
CA TYR A 163 19.62 48.87 50.58
C TYR A 163 19.42 47.88 49.43
N GLU A 164 20.52 47.30 48.97
CA GLU A 164 20.46 46.37 47.85
C GLU A 164 19.60 45.15 48.14
N VAL A 165 19.78 44.58 49.33
CA VAL A 165 19.02 43.42 49.74
C VAL A 165 17.52 43.70 49.70
N THR A 166 17.14 44.87 50.18
CA THR A 166 15.75 45.30 50.21
C THR A 166 15.20 45.52 48.79
N GLU A 167 16.04 46.06 47.90
CA GLU A 167 15.62 46.29 46.52
C GLU A 167 15.34 44.94 45.85
N ASP A 168 16.18 43.95 46.19
CA ASP A 168 15.99 42.62 45.63
C ASP A 168 14.62 42.09 46.02
N VAL A 169 14.16 42.46 47.21
CA VAL A 169 12.85 42.02 47.64
C VAL A 169 11.78 42.74 46.81
N TYR A 170 12.08 43.96 46.39
CA TYR A 170 11.16 44.73 45.57
C TYR A 170 11.01 44.09 44.19
N THR A 171 12.12 44.01 43.45
CA THR A 171 12.07 43.41 42.14
C THR A 171 11.53 41.96 42.19
N SER A 172 11.99 41.16 43.13
CA SER A 172 11.54 39.76 43.20
C SER A 172 10.04 39.67 43.46
N ARG A 173 9.54 40.47 44.38
CA ARG A 173 8.12 40.44 44.69
C ARG A 173 7.29 41.00 43.55
N LYS A 174 7.84 41.96 42.79
CA LYS A 174 7.09 42.49 41.66
C LYS A 174 6.97 41.37 40.63
N LYS A 175 8.11 40.83 40.21
CA LYS A 175 8.16 39.75 39.25
C LYS A 175 7.23 38.59 39.66
N GLN A 176 7.27 38.19 40.94
CA GLN A 176 6.40 37.10 41.40
C GLN A 176 4.94 37.49 41.25
N HIS A 177 4.60 38.71 41.63
CA HIS A 177 3.21 39.17 41.54
C HIS A 177 2.70 39.22 40.10
N GLN A 178 3.56 39.62 39.16
CA GLN A 178 3.12 39.73 37.78
C GLN A 178 2.98 38.37 37.12
N THR A 179 3.96 37.50 37.33
CA THR A 179 3.92 36.18 36.73
C THR A 179 2.80 35.37 37.34
N HIS A 182 -0.45 36.59 35.46
CA HIS A 182 -0.52 36.16 34.07
C HIS A 182 -0.86 34.66 34.04
N TYR A 183 -0.29 33.92 34.98
CA TYR A 183 -0.52 32.51 35.08
C TYR A 183 -1.98 32.25 35.47
N PHE A 184 -2.50 33.04 36.42
CA PHE A 184 -3.90 32.90 36.83
C PHE A 184 -4.80 33.21 35.63
N CYS A 185 -4.48 34.29 34.93
CA CYS A 185 -5.28 34.68 33.78
C CYS A 185 -5.36 33.58 32.73
N ALA A 186 -4.24 32.92 32.48
CA ALA A 186 -4.21 31.84 31.49
C ALA A 186 -5.05 30.65 31.94
N LEU A 187 -4.95 30.29 33.22
CA LEU A 187 -5.71 29.19 33.78
C LEU A 187 -7.20 29.51 33.72
N ASN A 188 -7.56 30.76 34.00
CA ASN A 188 -8.96 31.14 33.93
C ASN A 188 -9.44 31.04 32.48
N THR A 189 -8.58 31.41 31.54
CA THR A 189 -8.96 31.36 30.14
C THR A 189 -9.14 29.92 29.66
N LEU A 190 -8.25 29.05 30.12
CA LEU A 190 -8.33 27.65 29.73
C LEU A 190 -9.72 27.08 30.00
N GLN A 191 -10.42 27.63 31.00
CA GLN A 191 -11.76 27.13 31.29
C GLN A 191 -12.71 27.37 30.11
N TYR A 192 -12.41 28.37 29.28
CA TYR A 192 -13.24 28.63 28.11
C TYR A 192 -12.77 27.77 26.95
N LYS A 193 -11.49 27.86 26.64
CA LYS A 193 -10.91 27.10 25.54
C LYS A 193 -11.22 25.60 25.71
N LYS A 194 -11.33 25.15 26.94
CA LYS A 194 -11.62 23.76 27.23
C LYS A 194 -12.88 23.38 26.45
N LYS A 195 -13.98 24.07 26.73
CA LYS A 195 -15.25 23.82 26.05
C LYS A 195 -15.09 23.98 24.54
N ILE A 196 -14.56 25.11 24.10
CA ILE A 196 -14.37 25.34 22.68
C ILE A 196 -13.58 24.21 22.02
N ALA A 197 -12.40 23.88 22.54
CA ALA A 197 -11.56 22.84 21.97
C ALA A 197 -12.18 21.45 21.90
N LEU A 198 -13.16 21.18 22.77
CA LEU A 198 -13.83 19.89 22.77
C LEU A 198 -14.90 19.83 21.68
N LEU A 199 -15.66 20.91 21.52
CA LEU A 199 -16.73 20.95 20.53
C LEU A 199 -16.36 21.35 19.12
N GLU A 200 -15.56 22.39 18.98
CA GLU A 200 -15.18 22.83 17.65
C GLU A 200 -14.75 21.67 16.74
N PRO A 201 -13.86 20.80 17.22
CA PRO A 201 -13.37 19.66 16.44
C PRO A 201 -14.48 18.70 16.03
N LEU A 202 -15.27 18.25 17.00
CA LEU A 202 -16.38 17.35 16.74
C LEU A 202 -17.31 18.00 15.71
N LEU A 203 -17.58 19.29 15.91
CA LEU A 203 -18.44 20.02 15.00
C LEU A 203 -17.86 20.02 13.59
N GLY A 204 -16.54 20.16 13.50
CA GLY A 204 -15.91 20.19 12.19
C GLY A 204 -15.98 18.83 11.53
N TYR A 205 -15.77 17.81 12.33
CA TYR A 205 -15.82 16.44 11.86
C TYR A 205 -17.18 16.12 11.22
N GLN A 207 -19.65 18.02 10.17
CA GLN A 207 -20.02 18.84 9.02
C GLN A 207 -19.34 18.28 7.78
N ALA A 208 -18.08 17.89 7.92
CA ALA A 208 -17.36 17.34 6.80
C ALA A 208 -18.02 16.02 6.41
N GLN A 209 -18.44 15.22 7.40
CA GLN A 209 -19.08 13.94 7.10
C GLN A 209 -20.40 14.15 6.35
N ILE A 210 -21.20 15.15 6.78
CA ILE A 210 -22.47 15.40 6.11
C ILE A 210 -22.11 15.68 4.68
N SER A 211 -21.12 16.55 4.49
CA SER A 211 -20.69 16.91 3.16
C SER A 211 -20.18 15.72 2.33
N PHE A 212 -19.43 14.83 2.97
CA PHE A 212 -18.87 13.65 2.31
C PHE A 212 -19.91 12.64 1.86
N PHE A 213 -20.89 12.35 2.72
CA PHE A 213 -21.92 11.40 2.37
C PHE A 213 -22.85 11.90 1.29
N LYS A 214 -23.05 13.21 1.20
CA LYS A 214 -23.91 13.77 0.15
C LYS A 214 -23.23 13.75 -1.20
N GLY A 216 -20.87 11.84 -2.15
CA GLY A 216 -20.71 10.48 -2.59
C GLY A 216 -22.00 9.89 -3.10
N SER A 217 -23.10 10.16 -2.40
CA SER A 217 -24.38 9.60 -2.80
C SER A 217 -24.87 10.05 -4.16
N GLU A 218 -24.46 11.24 -4.59
CA GLU A 218 -24.90 11.79 -5.86
C GLU A 218 -24.27 11.13 -7.08
N ASN A 219 -23.19 10.37 -6.89
CA ASN A 219 -22.52 9.69 -8.01
C ASN A 219 -22.98 8.24 -8.08
N LEU A 220 -23.61 7.77 -7.00
CA LEU A 220 -24.08 6.40 -6.95
C LEU A 220 -25.56 6.36 -7.30
N ASN A 221 -25.87 6.55 -8.58
CA ASN A 221 -27.24 6.53 -9.08
C ASN A 221 -27.72 5.12 -9.47
N GLU A 222 -28.99 5.02 -9.80
CA GLU A 222 -29.55 3.74 -10.19
C GLU A 222 -28.96 3.27 -11.53
N GLN A 223 -28.30 4.19 -12.24
CA GLN A 223 -27.69 3.84 -13.53
C GLN A 223 -26.50 2.93 -13.25
N LEU A 224 -25.73 3.28 -12.21
CA LEU A 224 -24.57 2.51 -11.81
C LEU A 224 -24.99 1.13 -11.36
N GLU A 225 -26.08 1.08 -10.61
CA GLU A 225 -26.60 -0.20 -10.13
C GLU A 225 -26.89 -1.15 -11.28
N GLU A 226 -27.33 -0.59 -12.40
CA GLU A 226 -27.65 -1.40 -13.58
C GLU A 226 -26.34 -1.81 -14.27
N PHE A 227 -25.39 -0.88 -14.34
CA PHE A 227 -24.10 -1.19 -14.96
C PHE A 227 -23.41 -2.29 -14.14
N LEU A 228 -23.61 -2.28 -12.83
CA LEU A 228 -23.00 -3.32 -11.99
C LEU A 228 -23.77 -4.62 -12.19
N ALA A 229 -25.04 -4.49 -12.55
CA ALA A 229 -25.88 -5.65 -12.78
C ALA A 229 -25.46 -6.30 -14.08
N ASN A 230 -25.26 -5.49 -15.11
CA ASN A 230 -24.83 -6.04 -16.39
C ASN A 230 -23.50 -6.79 -16.23
N ILE A 231 -22.51 -6.11 -15.65
CA ILE A 231 -21.20 -6.69 -15.44
C ILE A 231 -21.32 -7.94 -14.56
N GLY A 232 -22.21 -7.89 -13.58
CA GLY A 232 -22.39 -9.04 -12.73
C GLY A 232 -22.78 -10.23 -13.58
N THR A 233 -23.66 -10.01 -14.56
CA THR A 233 -24.12 -11.07 -15.44
C THR A 233 -23.01 -11.57 -16.37
N SER A 234 -22.18 -10.66 -16.89
CA SER A 234 -21.10 -11.09 -17.77
C SER A 234 -20.18 -12.03 -17.02
N VAL A 235 -19.70 -11.59 -15.86
CA VAL A 235 -18.80 -12.44 -15.09
C VAL A 235 -19.40 -13.80 -14.80
N GLN A 236 -20.70 -13.85 -14.49
CA GLN A 236 -21.35 -15.13 -14.20
C GLN A 236 -21.36 -15.99 -15.48
N ASN A 237 -21.33 -15.33 -16.63
CA ASN A 237 -21.32 -16.06 -17.89
C ASN A 237 -19.94 -16.67 -18.11
N VAL A 238 -18.90 -15.88 -17.85
CA VAL A 238 -17.53 -16.35 -18.02
C VAL A 238 -17.34 -17.53 -17.09
N ARG A 239 -17.90 -17.44 -15.91
CA ARG A 239 -17.77 -18.53 -14.96
C ARG A 239 -18.37 -19.81 -15.55
N ARG A 240 -19.55 -19.73 -16.15
CA ARG A 240 -20.22 -20.89 -16.75
C ARG A 240 -19.35 -21.49 -17.84
N GLU A 241 -18.96 -20.63 -18.78
CA GLU A 241 -18.11 -21.02 -19.89
C GLU A 241 -16.80 -21.65 -19.39
N ASP A 243 -16.23 -23.30 -16.74
CA ASP A 243 -16.50 -24.65 -16.28
C ASP A 243 -16.84 -25.61 -17.42
N SER A 244 -17.51 -25.10 -18.44
CA SER A 244 -17.87 -25.91 -19.59
C SER A 244 -16.59 -26.38 -20.27
N ASP A 245 -15.65 -25.47 -20.42
CA ASP A 245 -14.37 -25.76 -21.07
C ASP A 245 -13.52 -26.71 -20.22
N ILE A 246 -13.58 -26.55 -18.90
CA ILE A 246 -12.82 -27.41 -18.00
C ILE A 246 -13.24 -28.86 -18.18
N GLU A 247 -14.54 -29.14 -18.24
CA GLU A 247 -14.97 -30.53 -18.39
C GLU A 247 -14.38 -31.06 -19.68
N THR A 248 -14.64 -30.35 -20.77
CA THR A 248 -14.11 -30.74 -22.06
C THR A 248 -12.62 -31.10 -21.99
N GLN A 250 -10.68 -31.91 -19.35
CA GLN A 250 -10.41 -33.06 -18.52
C GLN A 250 -10.68 -34.32 -19.35
N GLN A 251 -11.78 -34.26 -20.10
CA GLN A 251 -12.20 -35.36 -20.94
C GLN A 251 -11.16 -35.61 -22.03
N THR A 252 -10.68 -34.55 -22.66
CA THR A 252 -9.67 -34.71 -23.69
C THR A 252 -8.43 -35.37 -23.08
N ILE A 253 -8.02 -34.89 -21.91
CA ILE A 253 -6.86 -35.44 -21.23
C ILE A 253 -7.04 -36.93 -20.99
N GLU A 254 -8.08 -37.29 -20.24
CA GLU A 254 -8.36 -38.69 -19.92
C GLU A 254 -8.34 -39.57 -21.15
N ASP A 255 -8.90 -39.06 -22.24
CA ASP A 255 -8.94 -39.78 -23.51
C ASP A 255 -7.58 -39.87 -24.18
N LEU A 256 -6.73 -38.86 -23.98
CA LEU A 256 -5.40 -38.89 -24.59
C LEU A 256 -4.42 -39.79 -23.85
N GLU A 257 -4.54 -39.91 -22.54
CA GLU A 257 -3.63 -40.77 -21.79
C GLU A 257 -3.84 -42.21 -22.26
N VAL A 258 -5.11 -42.61 -22.42
CA VAL A 258 -5.43 -43.95 -22.88
C VAL A 258 -4.90 -44.17 -24.29
N ALA A 259 -5.30 -43.28 -25.19
CA ALA A 259 -4.89 -43.37 -26.58
C ALA A 259 -3.37 -43.31 -26.82
N SER A 260 -2.64 -42.59 -25.97
CA SER A 260 -1.20 -42.44 -26.13
C SER A 260 -0.33 -43.44 -25.38
N ASP A 261 -0.90 -44.16 -24.43
CA ASP A 261 -0.09 -45.10 -23.65
C ASP A 261 0.78 -46.06 -24.44
N PRO A 262 0.21 -46.72 -25.46
CA PRO A 262 0.98 -47.66 -26.27
C PRO A 262 2.02 -46.92 -27.10
N LEU A 263 1.81 -45.62 -27.29
CA LEU A 263 2.72 -44.81 -28.09
C LEU A 263 3.94 -44.24 -27.37
N TYR A 264 4.10 -44.53 -26.08
CA TYR A 264 5.23 -43.97 -25.33
C TYR A 264 6.57 -44.67 -25.51
N VAL A 265 6.56 -45.97 -25.80
CA VAL A 265 7.82 -46.69 -25.98
C VAL A 265 8.35 -46.46 -27.38
N PRO A 266 9.67 -46.27 -27.53
CA PRO A 266 10.24 -46.04 -28.85
C PRO A 266 9.88 -47.14 -29.86
N ASP A 267 9.92 -48.39 -29.40
CA ASP A 267 9.64 -49.55 -30.24
C ASP A 267 8.25 -50.15 -29.99
N PRO A 268 7.23 -49.68 -30.72
CA PRO A 268 5.86 -50.19 -30.55
C PRO A 268 5.66 -51.63 -31.06
N ASP A 269 4.48 -52.18 -30.79
CA ASP A 269 4.16 -53.53 -31.23
C ASP A 269 4.13 -53.51 -32.76
N PRO A 270 5.04 -54.25 -33.41
CA PRO A 270 5.12 -54.32 -34.87
C PRO A 270 3.76 -54.70 -35.46
N THR A 271 3.06 -55.53 -34.72
CA THR A 271 1.75 -56.06 -35.08
C THR A 271 0.59 -55.07 -34.97
N LYS A 272 0.70 -54.06 -34.12
CA LYS A 272 -0.41 -53.13 -33.95
C LYS A 272 -0.20 -51.70 -34.47
N PHE A 273 1.06 -51.32 -34.63
CA PHE A 273 1.38 -49.99 -35.14
C PHE A 273 2.31 -50.14 -36.32
N PRO A 274 1.72 -50.35 -37.51
CA PRO A 274 2.42 -50.54 -38.78
C PRO A 274 3.33 -49.39 -39.17
N VAL A 275 4.46 -49.77 -39.77
CA VAL A 275 5.42 -48.82 -40.27
C VAL A 275 4.73 -48.14 -41.45
N ASN A 276 4.74 -46.81 -41.47
CA ASN A 276 4.11 -46.07 -42.55
C ASN A 276 5.16 -45.76 -43.61
N ARG A 277 5.03 -46.39 -44.78
CA ARG A 277 5.98 -46.16 -45.85
C ARG A 277 5.42 -45.28 -46.95
N ASN A 278 4.13 -44.97 -46.86
CA ASN A 278 3.48 -44.13 -47.87
C ASN A 278 3.18 -42.75 -47.31
N LEU A 279 4.21 -42.06 -46.86
CA LEU A 279 4.07 -40.71 -46.30
C LEU A 279 4.79 -39.67 -47.15
N THR A 280 4.18 -38.49 -47.27
CA THR A 280 4.78 -37.40 -48.04
C THR A 280 5.14 -36.29 -47.08
N ARG A 281 5.00 -36.58 -45.79
CA ARG A 281 5.27 -35.61 -44.74
C ARG A 281 5.63 -36.35 -43.45
N LYS A 282 6.73 -35.97 -42.83
CA LYS A 282 7.13 -36.65 -41.61
C LYS A 282 7.90 -35.70 -40.69
N ALA A 283 7.55 -35.70 -39.42
CA ALA A 283 8.20 -34.83 -38.45
C ALA A 283 8.54 -35.56 -37.16
N GLY A 284 9.53 -35.05 -36.43
CA GLY A 284 9.93 -35.68 -35.20
C GLY A 284 11.37 -35.37 -34.82
N TYR A 285 11.76 -35.75 -33.61
CA TYR A 285 13.13 -35.50 -33.17
C TYR A 285 14.09 -36.58 -33.62
N LEU A 286 15.32 -36.16 -33.89
CA LEU A 286 16.39 -37.05 -34.30
C LEU A 286 17.65 -36.53 -33.62
N ASN A 287 18.69 -37.35 -33.60
CA ASN A 287 19.95 -36.91 -33.03
C ASN A 287 20.87 -36.75 -34.23
N ALA A 288 21.68 -35.70 -34.24
CA ALA A 288 22.61 -35.45 -35.33
C ALA A 288 24.03 -35.35 -34.79
N ARG A 289 24.87 -36.27 -35.22
CA ARG A 289 26.26 -36.30 -34.78
C ARG A 289 26.99 -35.10 -35.38
N ASP A 300 23.92 -33.40 -30.96
CA ASP A 300 22.79 -32.62 -30.48
C ASP A 300 21.45 -33.18 -30.95
N ARG A 301 20.40 -32.92 -30.16
CA ARG A 301 19.04 -33.37 -30.48
C ARG A 301 18.23 -32.19 -30.99
N GLN A 302 17.60 -32.34 -32.14
CA GLN A 302 16.80 -31.28 -32.74
C GLN A 302 15.53 -31.86 -33.34
N PHE A 303 14.55 -31.00 -33.56
CA PHE A 303 13.29 -31.44 -34.16
C PHE A 303 13.47 -31.29 -35.67
N TYR A 304 13.04 -32.29 -36.44
CA TYR A 304 13.16 -32.24 -37.89
C TYR A 304 11.78 -32.38 -38.52
N PHE A 305 11.58 -31.74 -39.67
CA PHE A 305 10.29 -31.82 -40.35
C PHE A 305 10.37 -31.54 -41.85
N THR A 306 9.45 -32.16 -42.57
CA THR A 306 9.33 -32.06 -44.02
C THR A 306 8.44 -30.91 -44.49
N GLN A 307 8.83 -30.26 -45.58
CA GLN A 307 8.06 -29.14 -46.12
C GLN A 307 8.50 -28.75 -47.53
N GLY A 308 7.60 -28.96 -48.49
CA GLY A 308 7.89 -28.61 -49.87
C GLY A 308 9.23 -29.10 -50.39
N GLY A 309 9.53 -30.36 -50.15
CA GLY A 309 10.79 -30.93 -50.63
C GLY A 309 12.04 -30.63 -49.81
N ASN A 310 11.87 -30.11 -48.59
CA ASN A 310 13.02 -29.80 -47.74
C ASN A 310 12.92 -30.39 -46.34
N LEU A 311 14.07 -30.80 -45.80
CA LEU A 311 14.10 -31.34 -44.46
C LEU A 311 14.54 -30.20 -43.56
N SER A 313 14.94 -28.19 -39.77
CA SER A 313 15.36 -28.54 -38.41
C SER A 313 15.09 -27.35 -37.50
N GLN A 314 14.94 -27.62 -36.21
CA GLN A 314 14.66 -26.57 -35.24
C GLN A 314 14.98 -27.08 -33.85
N ALA A 315 16.00 -26.51 -33.23
CA ALA A 315 16.38 -26.90 -31.87
C ALA A 315 15.23 -26.47 -30.98
N ARG A 316 14.93 -27.26 -29.95
CA ARG A 316 13.83 -26.93 -29.06
C ARG A 316 14.02 -25.53 -28.50
N GLY A 317 15.23 -24.99 -28.66
CA GLY A 317 15.53 -23.65 -28.18
C GLY A 317 15.27 -22.59 -29.23
N ASP A 318 15.58 -22.89 -30.48
CA ASP A 318 15.38 -21.93 -31.58
C ASP A 318 13.99 -21.34 -31.59
N VAL A 319 13.81 -20.27 -32.37
CA VAL A 319 12.53 -19.60 -32.46
C VAL A 319 11.96 -19.65 -33.88
N ALA A 320 12.71 -20.25 -34.80
CA ALA A 320 12.27 -20.36 -36.20
C ALA A 320 12.78 -21.59 -36.93
N GLY A 321 14.02 -21.97 -36.67
CA GLY A 321 14.59 -23.14 -37.33
C GLY A 321 15.11 -22.79 -38.72
N GLY A 322 15.45 -23.80 -39.52
CA GLY A 322 15.97 -23.53 -40.85
C GLY A 322 16.05 -24.70 -41.81
N LEU A 323 17.01 -24.63 -42.72
CA LEU A 323 17.21 -25.67 -43.72
C LEU A 323 18.23 -26.70 -43.23
N ALA A 324 18.11 -27.93 -43.71
CA ALA A 324 19.03 -29.00 -43.30
C ALA A 324 19.55 -29.78 -44.51
N ASP A 326 18.18 -31.18 -48.93
CA ASP A 326 17.18 -31.22 -49.99
C ASP A 326 16.53 -32.60 -49.91
N ILE A 327 15.44 -32.82 -50.63
CA ILE A 327 14.75 -34.11 -50.55
C ILE A 327 14.11 -34.64 -51.85
N ASP A 328 14.01 -35.97 -51.93
CA ASP A 328 13.41 -36.69 -53.06
C ASP A 328 13.97 -36.28 -54.42
N ASN A 329 15.28 -36.43 -54.55
CA ASN A 329 16.03 -36.10 -55.75
C ASN A 329 17.42 -36.18 -55.16
N CYS A 330 17.47 -36.92 -54.07
CA CYS A 330 18.67 -37.16 -53.29
C CYS A 330 18.68 -38.66 -53.00
N SER A 331 19.77 -39.14 -52.42
CA SER A 331 19.89 -40.55 -52.08
C SER A 331 19.89 -40.69 -50.56
N VAL A 332 19.20 -41.70 -50.06
CA VAL A 332 19.13 -41.92 -48.62
C VAL A 332 19.40 -43.39 -48.28
N ALA A 334 20.55 -46.19 -44.79
CA ALA A 334 20.83 -46.43 -43.39
C ALA A 334 22.34 -46.45 -43.19
N VAL A 335 22.85 -45.56 -42.36
CA VAL A 335 24.28 -45.50 -42.09
C VAL A 335 24.61 -46.11 -40.75
N ASP A 336 25.88 -46.47 -40.59
CA ASP A 336 26.33 -47.06 -39.34
C ASP A 336 27.43 -46.18 -38.75
N CYS A 337 27.02 -45.12 -38.07
CA CYS A 337 27.96 -44.20 -37.44
C CYS A 337 28.20 -44.64 -36.01
N GLU A 338 29.46 -44.55 -35.57
CA GLU A 338 29.86 -44.95 -34.23
C GLU A 338 29.18 -46.27 -33.88
N ASP A 339 28.77 -46.46 -32.64
CA ASP A 339 28.12 -47.71 -32.28
C ASP A 339 26.65 -47.46 -31.97
N ARG A 340 26.09 -46.42 -32.58
CA ARG A 340 24.69 -46.02 -32.38
C ARG A 340 23.70 -46.73 -33.29
N ARG A 341 22.64 -47.27 -32.69
CA ARG A 341 21.60 -47.94 -33.45
C ARG A 341 20.75 -46.94 -34.20
N TYR A 342 20.13 -47.41 -35.28
CA TYR A 342 19.23 -46.61 -36.09
C TYR A 342 19.74 -45.29 -36.66
N CYS A 343 20.98 -45.25 -37.17
CA CYS A 343 21.45 -43.99 -37.75
C CYS A 343 21.24 -44.06 -39.25
N PHE A 344 21.29 -42.90 -39.91
CA PHE A 344 21.12 -42.84 -41.35
C PHE A 344 21.69 -41.53 -41.84
N GLN A 345 21.98 -41.46 -43.13
CA GLN A 345 22.56 -40.26 -43.71
C GLN A 345 22.03 -40.07 -45.13
N ILE A 346 21.66 -38.83 -45.46
CA ILE A 346 21.15 -38.53 -46.80
C ILE A 346 22.15 -37.66 -47.55
N THR A 347 21.90 -37.51 -48.85
CA THR A 347 22.78 -36.71 -49.72
C THR A 347 22.15 -36.46 -51.09
N SER A 348 22.65 -35.46 -51.79
CA SER A 348 22.16 -35.11 -53.13
C SER A 348 23.29 -35.13 -54.14
N SER A 354 24.44 -34.50 -45.40
CA SER A 354 23.86 -34.19 -44.10
C SER A 354 24.62 -34.92 -43.00
N SER A 355 24.57 -34.37 -41.78
CA SER A 355 25.25 -35.03 -40.66
C SER A 355 24.56 -36.38 -40.49
N ILE A 356 25.13 -37.22 -39.64
CA ILE A 356 24.53 -38.53 -39.41
C ILE A 356 23.30 -38.31 -38.54
N LEU A 357 22.18 -38.84 -38.98
CA LEU A 357 20.94 -38.70 -38.23
C LEU A 357 20.56 -40.03 -37.57
N GLN A 358 20.13 -39.97 -36.31
CA GLN A 358 19.76 -41.17 -35.58
C GLN A 358 18.29 -41.19 -35.16
N ALA A 359 17.56 -42.19 -35.64
CA ALA A 359 16.14 -42.34 -35.30
C ALA A 359 16.05 -42.97 -33.91
N GLU A 360 14.85 -43.32 -33.49
CA GLU A 360 14.65 -43.88 -32.16
C GLU A 360 14.29 -45.34 -32.13
N SER A 361 13.94 -45.89 -33.29
CA SER A 361 13.51 -47.27 -33.36
C SER A 361 13.56 -47.82 -34.77
N LYS A 362 13.34 -49.12 -34.90
CA LYS A 362 13.34 -49.69 -36.22
C LYS A 362 12.25 -48.95 -36.96
N LYS A 363 11.00 -49.09 -36.49
CA LYS A 363 9.88 -48.41 -37.12
C LYS A 363 10.15 -46.96 -37.51
N ASP A 364 10.67 -46.18 -36.57
CA ASP A 364 10.95 -44.78 -36.81
C ASP A 364 12.03 -44.62 -37.89
N HIS A 365 13.09 -45.40 -37.77
CA HIS A 365 14.21 -45.36 -38.71
C HIS A 365 13.73 -45.66 -40.12
N GLU A 366 12.78 -46.57 -40.25
CA GLU A 366 12.27 -46.95 -41.55
C GLU A 366 11.38 -45.87 -42.14
N GLU A 367 10.47 -45.35 -41.32
CA GLU A 367 9.55 -44.33 -41.79
C GLU A 367 10.25 -43.12 -42.38
N TRP A 368 11.37 -42.72 -41.79
CA TRP A 368 12.11 -41.58 -42.32
C TRP A 368 12.63 -41.86 -43.73
N ILE A 369 13.50 -42.86 -43.83
CA ILE A 369 14.08 -43.24 -45.11
C ILE A 369 13.01 -43.37 -46.18
N CYS A 370 11.91 -44.03 -45.85
CA CYS A 370 10.81 -44.23 -46.80
C CYS A 370 10.06 -42.96 -47.16
N THR A 371 9.83 -42.08 -46.19
CA THR A 371 9.12 -40.85 -46.50
C THR A 371 10.00 -39.97 -47.36
N ILE A 372 11.28 -39.84 -46.98
CA ILE A 372 12.22 -39.03 -47.74
C ILE A 372 12.29 -39.51 -49.19
N ASN A 373 12.24 -40.83 -49.38
CA ASN A 373 12.28 -41.40 -50.72
C ASN A 373 11.02 -41.00 -51.47
N ASN A 374 9.87 -41.13 -50.80
CA ASN A 374 8.57 -40.78 -51.40
C ASN A 374 8.48 -39.33 -51.91
#